data_5JHN
#
_entry.id   5JHN
#
_cell.length_a   56.782
_cell.length_b   78.270
_cell.length_c   73.121
_cell.angle_alpha   90.00
_cell.angle_beta   90.34
_cell.angle_gamma   90.00
#
_symmetry.space_group_name_H-M   'P 1 21 1'
#
loop_
_entity.id
_entity.type
_entity.pdbx_description
1 polymer 'Histone-lysine N-methyltransferase EHMT2'
2 polymer 'Histone H3.1 peptide with K9A mutation'
3 non-polymer 'ZINC ION'
4 non-polymer S-ADENOSYLMETHIONINE
5 water water
#
loop_
_entity_poly.entity_id
_entity_poly.type
_entity_poly.pdbx_seq_one_letter_code
_entity_poly.pdbx_strand_id
1 'polypeptide(L)'
;IRTEKIICRDVARGYENVPIPCVNGVDGEPCPEDYKYISENCETSTMNIDRNITHLQHCTCVDDCSSSNCLCGQLSIRCW
YDKDGRLLQEFNKIEPPLIFECNQACSCWRNCKNRVVQSGIKVRLQLYRTAKMGWGVRALQTIPQGTFICEYVGELISDA
EADVREDDSYLFDLDNKDGEVYCIDARYYGNISRFINHLCDPNIIPVRVFMLHQDLRFPRIAFFSSRDIRTGEELGFDYG
DRFWDIKSKYFTCQCGSEKCKHSAEAIALEQSRL
;
A,B
2 'polypeptide(L)' TKQTARASTGG F,G
#
loop_
_chem_comp.id
_chem_comp.type
_chem_comp.name
_chem_comp.formula
SAM non-polymer S-ADENOSYLMETHIONINE 'C15 H22 N6 O5 S'
ZN non-polymer 'ZINC ION' 'Zn 2'
#
# COMPACT_ATOMS: atom_id res chain seq x y z
N ILE A 1 -9.73 -31.99 31.72
CA ILE A 1 -9.57 -31.76 30.24
C ILE A 1 -9.45 -30.24 29.97
N ARG A 2 -8.32 -29.77 29.44
CA ARG A 2 -8.19 -28.31 29.09
C ARG A 2 -9.21 -27.88 28.02
N THR A 3 -9.88 -26.74 28.17
CA THR A 3 -10.66 -26.23 27.04
C THR A 3 -9.71 -25.53 26.02
N GLU A 4 -10.20 -25.41 24.79
CA GLU A 4 -9.66 -24.49 23.82
C GLU A 4 -10.17 -23.10 24.02
N LYS A 5 -9.25 -22.16 24.25
CA LYS A 5 -9.62 -20.77 24.44
C LYS A 5 -9.22 -19.90 23.28
N ILE A 6 -10.08 -18.94 22.93
CA ILE A 6 -9.73 -17.87 22.00
C ILE A 6 -8.99 -16.83 22.78
N ILE A 7 -7.73 -16.66 22.45
CA ILE A 7 -6.89 -15.72 23.19
C ILE A 7 -6.50 -14.47 22.41
N CYS A 8 -6.88 -14.37 21.15
CA CYS A 8 -6.80 -13.13 20.38
C CYS A 8 -7.80 -13.21 19.27
N ARG A 9 -8.68 -12.22 19.17
CA ARG A 9 -9.67 -12.22 18.08
C ARG A 9 -9.02 -11.99 16.73
N ASP A 10 -7.86 -11.28 16.69
CA ASP A 10 -7.22 -11.01 15.42
C ASP A 10 -5.77 -10.58 15.71
N VAL A 11 -4.85 -11.48 15.44
CA VAL A 11 -3.46 -11.11 15.63
C VAL A 11 -2.99 -10.01 14.70
N ALA A 12 -3.69 -9.77 13.57
CA ALA A 12 -3.26 -8.76 12.60
C ALA A 12 -3.83 -7.35 12.94
N ARG A 13 -4.67 -7.27 13.98
CA ARG A 13 -5.23 -6.00 14.48
C ARG A 13 -5.94 -5.21 13.35
N GLY A 14 -6.70 -5.93 12.49
CA GLY A 14 -7.44 -5.36 11.38
C GLY A 14 -6.69 -5.02 10.11
N TYR A 15 -5.39 -5.38 10.03
CA TYR A 15 -4.60 -5.03 8.91
C TYR A 15 -4.83 -5.98 7.71
N GLU A 16 -5.33 -7.18 7.91
CA GLU A 16 -5.54 -8.07 6.80
C GLU A 16 -7.00 -7.99 6.35
N ASN A 17 -7.30 -8.60 5.21
CA ASN A 17 -8.69 -8.55 4.67
C ASN A 17 -9.64 -9.25 5.63
N VAL A 18 -9.12 -10.25 6.34
CA VAL A 18 -9.81 -11.13 7.27
C VAL A 18 -9.14 -11.19 8.62
N PRO A 19 -9.89 -11.45 9.71
CA PRO A 19 -9.24 -11.65 11.01
C PRO A 19 -8.46 -12.95 11.02
N ILE A 20 -7.43 -13.01 11.84
CA ILE A 20 -6.67 -14.18 12.11
C ILE A 20 -6.62 -14.40 13.60
N PRO A 21 -7.60 -15.13 14.16
CA PRO A 21 -7.63 -15.43 15.53
C PRO A 21 -6.58 -16.34 16.02
N CYS A 22 -6.36 -16.32 17.33
CA CYS A 22 -5.46 -17.20 18.00
C CYS A 22 -6.17 -18.00 19.10
N VAL A 23 -5.95 -19.30 19.09
CA VAL A 23 -6.46 -20.19 20.14
C VAL A 23 -5.38 -21.05 20.76
N ASN A 24 -5.67 -21.54 21.98
CA ASN A 24 -4.83 -22.49 22.62
C ASN A 24 -5.69 -23.51 23.40
N GLY A 25 -5.63 -24.76 22.96
CA GLY A 25 -6.23 -25.87 23.71
C GLY A 25 -5.22 -26.84 24.29
N VAL A 26 -3.94 -26.44 24.35
CA VAL A 26 -2.86 -27.35 24.72
C VAL A 26 -2.24 -27.03 26.06
N ASP A 27 -1.99 -25.74 26.28
CA ASP A 27 -1.24 -25.32 27.47
C ASP A 27 -1.61 -23.91 27.87
N GLY A 28 -0.84 -23.34 28.79
CA GLY A 28 -1.12 -22.06 29.36
C GLY A 28 -0.39 -20.90 28.70
N GLU A 29 0.28 -21.16 27.56
CA GLU A 29 1.02 -20.09 26.87
C GLU A 29 0.07 -19.03 26.33
N PRO A 30 0.30 -17.74 26.65
CA PRO A 30 -0.63 -16.74 26.19
C PRO A 30 -0.27 -16.36 24.73
N CYS A 31 -1.13 -15.55 24.15
CA CYS A 31 -0.96 -15.15 22.78
C CYS A 31 0.43 -14.59 22.63
N PRO A 32 1.16 -15.00 21.59
CA PRO A 32 2.51 -14.46 21.37
C PRO A 32 2.55 -13.00 21.02
N GLU A 33 3.30 -12.22 21.78
CA GLU A 33 3.33 -10.75 21.64
C GLU A 33 4.75 -10.20 21.47
N ASP A 34 5.74 -11.06 21.41
CA ASP A 34 7.15 -10.66 21.39
C ASP A 34 7.63 -10.32 19.98
N TYR A 35 6.77 -9.76 19.17
CA TYR A 35 7.11 -9.30 17.79
C TYR A 35 6.09 -8.28 17.39
N LYS A 36 6.38 -7.55 16.33
CA LYS A 36 5.42 -6.58 15.83
C LYS A 36 4.71 -7.12 14.60
N TYR A 37 3.38 -7.30 14.65
CA TYR A 37 2.68 -7.70 13.45
C TYR A 37 2.58 -6.60 12.38
N ILE A 38 3.07 -6.91 11.17
CA ILE A 38 3.01 -6.01 10.05
C ILE A 38 2.43 -6.81 8.91
N SER A 39 1.63 -6.16 8.09
CA SER A 39 1.06 -6.82 6.89
C SER A 39 1.90 -6.73 5.65
N GLU A 40 2.87 -5.79 5.63
CA GLU A 40 3.78 -5.60 4.45
C GLU A 40 5.18 -5.47 4.94
N ASN A 41 6.16 -5.85 4.12
CA ASN A 41 7.58 -5.82 4.52
C ASN A 41 7.98 -4.46 5.00
N CYS A 42 8.85 -4.45 5.95
CA CYS A 42 9.39 -3.19 6.48
C CYS A 42 10.88 -3.15 6.27
N GLU A 43 11.44 -1.96 6.48
CA GLU A 43 12.87 -1.68 6.35
C GLU A 43 13.34 -1.08 7.67
N THR A 44 14.54 -1.41 8.09
CA THR A 44 15.16 -0.82 9.23
C THR A 44 16.54 -0.21 8.91
N SER A 45 16.91 -0.17 7.65
CA SER A 45 18.09 0.58 7.19
C SER A 45 17.78 0.79 5.72
N THR A 46 18.58 1.56 5.00
CA THR A 46 18.19 1.98 3.69
C THR A 46 18.48 0.85 2.69
N MET A 47 17.46 0.35 2.06
CA MET A 47 17.62 -0.71 1.03
C MET A 47 17.75 -0.18 -0.43
N ASN A 48 17.38 1.08 -0.67
CA ASN A 48 17.38 1.70 -2.02
C ASN A 48 16.71 0.79 -3.05
N ILE A 49 15.56 0.27 -2.71
CA ILE A 49 14.80 -0.44 -3.66
C ILE A 49 14.45 0.45 -4.85
N ASP A 50 14.55 -0.11 -6.03
CA ASP A 50 14.24 0.65 -7.28
C ASP A 50 12.73 0.82 -7.44
N ARG A 51 12.28 2.03 -7.15
CA ARG A 51 10.83 2.33 -7.25
C ARG A 51 10.51 3.28 -8.38
N ASN A 52 11.45 3.52 -9.27
CA ASN A 52 11.16 4.41 -10.38
C ASN A 52 10.10 3.82 -11.31
N ILE A 53 8.97 4.52 -11.46
CA ILE A 53 7.81 4.00 -12.21
C ILE A 53 8.14 3.73 -13.67
N THR A 54 9.10 4.47 -14.21
CA THR A 54 9.48 4.36 -15.61
C THR A 54 10.32 3.13 -15.80
N HIS A 55 10.81 2.50 -14.72
CA HIS A 55 11.58 1.20 -14.92
C HIS A 55 10.67 0.00 -14.96
N LEU A 56 9.38 0.17 -14.76
CA LEU A 56 8.47 -1.02 -14.70
C LEU A 56 8.14 -1.55 -16.07
N GLN A 57 8.34 -2.84 -16.27
CA GLN A 57 7.77 -3.50 -17.42
C GLN A 57 6.28 -3.57 -17.14
N HIS A 58 5.46 -3.37 -18.16
CA HIS A 58 4.05 -3.20 -17.93
C HIS A 58 3.30 -3.54 -19.19
N CYS A 59 2.03 -3.83 -19.04
CA CYS A 59 1.24 -4.26 -20.17
C CYS A 59 0.35 -3.12 -20.75
N THR A 60 -0.12 -3.41 -21.97
CA THR A 60 -0.96 -2.51 -22.73
C THR A 60 -2.38 -3.04 -22.84
N CYS A 61 -2.71 -4.06 -22.05
CA CYS A 61 -4.07 -4.62 -22.11
C CYS A 61 -5.16 -3.68 -21.69
N VAL A 62 -6.29 -3.72 -22.41
CA VAL A 62 -7.52 -3.09 -21.91
C VAL A 62 -8.61 -4.10 -21.60
N ASP A 63 -8.31 -5.38 -21.73
CA ASP A 63 -9.22 -6.45 -21.29
C ASP A 63 -8.85 -6.80 -19.85
N ASP A 64 -9.19 -8.01 -19.42
CA ASP A 64 -8.92 -8.42 -18.04
C ASP A 64 -7.52 -9.08 -17.87
N CYS A 65 -6.62 -8.93 -18.83
CA CYS A 65 -5.30 -9.53 -18.83
C CYS A 65 -5.32 -11.06 -18.90
N SER A 66 -6.30 -11.62 -19.62
CA SER A 66 -6.33 -13.08 -19.81
C SER A 66 -5.84 -13.55 -21.20
N SER A 67 -5.42 -12.61 -22.05
CA SER A 67 -4.96 -12.97 -23.38
C SER A 67 -3.50 -13.25 -23.32
N SER A 68 -3.04 -14.03 -24.28
CA SER A 68 -1.63 -14.33 -24.38
C SER A 68 -0.75 -13.10 -24.73
N ASN A 69 -1.38 -11.97 -25.04
CA ASN A 69 -0.65 -10.74 -25.36
C ASN A 69 -0.28 -9.87 -24.18
N CYS A 70 -0.72 -10.25 -22.97
CA CYS A 70 -0.31 -9.54 -21.76
C CYS A 70 1.19 -9.69 -21.51
N LEU A 71 1.91 -8.59 -21.62
CA LEU A 71 3.34 -8.61 -21.47
C LEU A 71 3.69 -9.15 -20.07
N CYS A 72 2.88 -8.79 -19.07
CA CYS A 72 3.20 -9.16 -17.66
C CYS A 72 3.14 -10.70 -17.49
N GLY A 73 2.09 -11.30 -18.02
CA GLY A 73 2.04 -12.78 -18.16
C GLY A 73 3.24 -13.37 -18.88
N GLN A 74 3.57 -12.81 -20.03
CA GLN A 74 4.76 -13.26 -20.80
C GLN A 74 6.06 -13.20 -20.04
N LEU A 75 6.20 -12.31 -19.06
CA LEU A 75 7.45 -12.27 -18.29
C LEU A 75 7.65 -13.53 -17.44
N SER A 76 6.58 -14.31 -17.26
CA SER A 76 6.66 -15.68 -16.70
C SER A 76 6.29 -16.78 -17.72
N ILE A 77 6.62 -16.51 -18.97
CA ILE A 77 6.19 -17.28 -20.16
C ILE A 77 4.69 -17.10 -20.35
N ARG A 78 3.92 -17.31 -19.30
CA ARG A 78 2.48 -17.15 -19.35
C ARG A 78 1.96 -16.75 -17.96
N CYS A 79 0.78 -16.13 -17.85
CA CYS A 79 0.14 -15.90 -16.57
C CYS A 79 -0.28 -17.25 -16.05
N TRP A 80 -0.02 -17.49 -14.76
CA TRP A 80 -0.24 -18.81 -14.20
C TRP A 80 -1.49 -18.89 -13.37
N TYR A 81 -2.25 -17.81 -13.37
CA TYR A 81 -3.47 -17.76 -12.62
C TYR A 81 -4.67 -18.10 -13.50
N ASP A 82 -5.52 -18.96 -13.00
CA ASP A 82 -6.78 -19.25 -13.68
C ASP A 82 -7.79 -18.17 -13.39
N LYS A 83 -9.00 -18.32 -13.91
CA LYS A 83 -10.00 -17.26 -13.75
C LYS A 83 -10.41 -16.98 -12.30
N ASP A 84 -10.11 -17.90 -11.37
CA ASP A 84 -10.47 -17.76 -9.96
C ASP A 84 -9.25 -17.43 -9.07
N GLY A 85 -8.12 -17.10 -9.69
CA GLY A 85 -6.93 -16.64 -8.94
C GLY A 85 -6.05 -17.77 -8.48
N ARG A 86 -6.23 -18.99 -9.01
CA ARG A 86 -5.42 -20.15 -8.59
C ARG A 86 -4.42 -20.53 -9.64
N LEU A 87 -3.27 -21.00 -9.19
CA LEU A 87 -2.23 -21.47 -10.08
C LEU A 87 -2.77 -22.61 -10.92
N LEU A 88 -2.36 -22.63 -12.18
CA LEU A 88 -2.81 -23.69 -13.10
C LEU A 88 -2.27 -25.01 -12.59
N GLN A 89 -3.02 -26.07 -12.78
CA GLN A 89 -2.55 -27.44 -12.51
C GLN A 89 -1.14 -27.72 -13.06
N GLU A 90 -0.83 -27.22 -14.24
CA GLU A 90 0.49 -27.40 -14.87
C GLU A 90 1.62 -26.54 -14.30
N PHE A 91 1.31 -25.72 -13.30
CA PHE A 91 2.35 -24.89 -12.71
C PHE A 91 3.50 -25.73 -12.22
N ASN A 92 4.71 -25.29 -12.50
CA ASN A 92 5.86 -26.00 -12.01
C ASN A 92 6.10 -25.83 -10.50
N LYS A 93 5.76 -26.84 -9.71
CA LYS A 93 5.85 -26.72 -8.23
C LYS A 93 7.17 -27.14 -7.68
N ILE A 94 8.04 -27.66 -8.54
CA ILE A 94 9.40 -28.02 -8.16
C ILE A 94 10.31 -26.81 -8.33
N GLU A 95 10.25 -26.17 -9.51
CA GLU A 95 11.09 -25.02 -9.87
C GLU A 95 10.13 -23.91 -10.31
N PRO A 96 9.48 -23.25 -9.35
CA PRO A 96 8.50 -22.26 -9.78
C PRO A 96 9.13 -21.09 -10.53
N PRO A 97 8.40 -20.52 -11.50
CA PRO A 97 8.94 -19.36 -12.20
C PRO A 97 8.74 -18.10 -11.33
N LEU A 98 9.37 -16.99 -11.69
CA LEU A 98 9.13 -15.72 -11.01
C LEU A 98 7.85 -15.18 -11.61
N ILE A 99 6.92 -14.73 -10.77
CA ILE A 99 5.71 -14.16 -11.26
C ILE A 99 5.77 -12.63 -11.25
N PHE A 100 5.38 -12.01 -12.39
CA PHE A 100 5.25 -10.56 -12.51
C PHE A 100 3.78 -10.24 -12.60
N GLU A 101 3.20 -9.75 -11.50
CA GLU A 101 1.83 -9.28 -11.49
C GLU A 101 1.76 -7.90 -12.16
N CYS A 102 0.54 -7.51 -12.50
CA CYS A 102 0.34 -6.15 -13.10
C CYS A 102 0.56 -5.10 -12.03
N ASN A 103 0.77 -3.88 -12.46
CA ASN A 103 1.24 -2.82 -11.60
C ASN A 103 0.60 -1.50 -12.02
N GLN A 104 1.02 -0.45 -11.36
CA GLN A 104 0.50 0.90 -11.62
C GLN A 104 0.84 1.50 -12.97
N ALA A 105 1.81 0.92 -13.70
CA ALA A 105 2.20 1.40 -15.06
C ALA A 105 1.37 0.69 -16.16
N CYS A 106 0.74 -0.42 -15.81
CA CYS A 106 -0.11 -1.16 -16.75
C CYS A 106 -1.35 -0.33 -17.07
N SER A 107 -1.88 -0.52 -18.29
CA SER A 107 -3.11 0.13 -18.76
C SER A 107 -4.40 -0.56 -18.27
N CYS A 108 -4.29 -1.70 -17.67
CA CYS A 108 -5.43 -2.45 -17.18
C CYS A 108 -6.00 -1.95 -15.89
N TRP A 109 -7.15 -2.49 -15.49
CA TRP A 109 -7.79 -2.14 -14.26
C TRP A 109 -7.23 -2.89 -13.05
N ARG A 110 -7.42 -2.29 -11.86
CA ARG A 110 -6.96 -2.88 -10.59
C ARG A 110 -7.49 -4.29 -10.31
N ASN A 111 -8.61 -4.66 -10.90
CA ASN A 111 -9.17 -6.03 -10.74
C ASN A 111 -8.95 -6.97 -11.96
N CYS A 112 -7.85 -6.74 -12.70
CA CYS A 112 -7.47 -7.64 -13.78
C CYS A 112 -7.06 -8.97 -13.17
N LYS A 113 -6.82 -9.97 -14.02
CA LYS A 113 -6.64 -11.36 -13.54
C LYS A 113 -5.24 -11.66 -13.07
N ASN A 114 -4.34 -10.70 -13.22
CA ASN A 114 -2.99 -10.90 -12.86
C ASN A 114 -2.65 -10.03 -11.62
N ARG A 115 -3.48 -10.10 -10.61
CA ARG A 115 -3.29 -9.35 -9.36
C ARG A 115 -3.55 -10.11 -8.05
N VAL A 116 -3.26 -11.37 -8.04
CA VAL A 116 -3.69 -12.22 -6.96
C VAL A 116 -2.99 -11.90 -5.62
N VAL A 117 -1.66 -11.92 -5.64
CA VAL A 117 -0.94 -11.72 -4.40
C VAL A 117 -1.16 -10.29 -3.88
N GLN A 118 -1.23 -9.32 -4.78
CA GLN A 118 -1.36 -7.96 -4.31
C GLN A 118 -2.72 -7.71 -3.72
N SER A 119 -3.68 -8.58 -3.97
CA SER A 119 -5.04 -8.45 -3.35
C SER A 119 -5.17 -9.01 -1.94
N GLY A 120 -4.14 -9.67 -1.41
CA GLY A 120 -4.10 -10.15 -0.03
C GLY A 120 -4.79 -11.44 0.35
N ILE A 121 -4.92 -11.64 1.64
CA ILE A 121 -5.38 -12.89 2.20
C ILE A 121 -6.86 -13.01 1.97
N LYS A 122 -7.32 -14.17 1.49
CA LYS A 122 -8.74 -14.48 1.37
C LYS A 122 -9.16 -15.69 2.14
N VAL A 123 -8.27 -16.65 2.40
CA VAL A 123 -8.61 -17.82 3.15
C VAL A 123 -8.64 -17.55 4.63
N ARG A 124 -9.45 -18.32 5.32
CA ARG A 124 -9.56 -18.20 6.72
C ARG A 124 -8.51 -19.08 7.37
N LEU A 125 -7.65 -18.47 8.16
CA LEU A 125 -6.60 -19.14 8.90
C LEU A 125 -6.69 -18.89 10.35
N GLN A 126 -5.96 -19.69 11.12
CA GLN A 126 -5.95 -19.62 12.53
C GLN A 126 -4.56 -19.89 13.11
N LEU A 127 -4.14 -19.04 14.06
CA LEU A 127 -2.95 -19.30 14.84
C LEU A 127 -3.35 -20.16 16.03
N TYR A 128 -2.66 -21.28 16.26
CA TYR A 128 -3.05 -22.25 17.29
C TYR A 128 -1.87 -22.89 17.93
N ARG A 129 -2.08 -23.43 19.14
CA ARG A 129 -0.98 -24.07 19.84
C ARG A 129 -0.94 -25.53 19.42
N THR A 130 0.19 -25.94 18.84
CA THR A 130 0.43 -27.32 18.49
C THR A 130 0.89 -28.12 19.70
N ALA A 131 0.89 -29.43 19.55
CA ALA A 131 1.35 -30.30 20.60
C ALA A 131 2.86 -30.26 20.85
N LYS A 132 3.66 -30.16 19.80
CA LYS A 132 5.10 -30.31 19.87
C LYS A 132 5.90 -29.26 19.15
N MET A 133 5.23 -28.42 18.34
CA MET A 133 5.96 -27.42 17.49
C MET A 133 5.57 -26.00 17.81
N GLY A 134 5.35 -25.68 19.08
CA GLY A 134 4.92 -24.35 19.54
C GLY A 134 3.67 -23.90 18.83
N TRP A 135 3.70 -22.66 18.38
CA TRP A 135 2.58 -22.10 17.64
C TRP A 135 2.68 -22.56 16.17
N GLY A 136 1.53 -22.78 15.55
CA GLY A 136 1.39 -23.02 14.09
C GLY A 136 0.12 -22.40 13.52
N VAL A 137 -0.04 -22.54 12.23
CA VAL A 137 -1.14 -21.99 11.48
C VAL A 137 -1.91 -23.11 10.81
N ARG A 138 -3.21 -23.07 10.96
CA ARG A 138 -4.04 -24.05 10.28
C ARG A 138 -5.20 -23.40 9.53
N ALA A 139 -5.68 -24.14 8.57
CA ALA A 139 -6.79 -23.72 7.74
C ALA A 139 -8.11 -23.90 8.45
N LEU A 140 -8.96 -22.91 8.41
CA LEU A 140 -10.36 -23.04 8.89
C LEU A 140 -11.39 -23.39 7.82
N GLN A 141 -10.93 -23.76 6.66
CA GLN A 141 -11.79 -24.04 5.52
C GLN A 141 -11.06 -24.98 4.61
N THR A 142 -11.74 -25.60 3.62
CA THR A 142 -11.01 -26.30 2.56
C THR A 142 -10.39 -25.32 1.64
N ILE A 143 -9.18 -25.65 1.17
CA ILE A 143 -8.42 -24.81 0.24
C ILE A 143 -7.98 -25.59 -0.99
N PRO A 144 -8.55 -25.26 -2.15
CA PRO A 144 -8.11 -26.00 -3.35
C PRO A 144 -6.66 -25.77 -3.63
N GLN A 145 -6.06 -26.72 -4.34
CA GLN A 145 -4.72 -26.55 -4.87
C GLN A 145 -4.57 -25.26 -5.69
N GLY A 146 -3.38 -24.65 -5.58
CA GLY A 146 -3.06 -23.41 -6.29
C GLY A 146 -3.55 -22.09 -5.69
N THR A 147 -4.11 -22.14 -4.50
CA THR A 147 -4.75 -20.97 -3.89
C THR A 147 -3.68 -20.18 -3.16
N PHE A 148 -3.73 -18.87 -3.32
CA PHE A 148 -2.87 -17.99 -2.53
C PHE A 148 -3.31 -18.03 -1.10
N ILE A 149 -2.33 -18.26 -0.21
CA ILE A 149 -2.56 -18.36 1.22
C ILE A 149 -2.16 -17.04 1.96
N CYS A 150 -0.89 -16.69 1.85
CA CYS A 150 -0.38 -15.51 2.49
C CYS A 150 1.05 -15.30 2.03
N GLU A 151 1.58 -14.13 2.36
CA GLU A 151 2.93 -13.75 2.01
C GLU A 151 3.87 -13.92 3.19
N TYR A 152 5.15 -14.24 2.95
CA TYR A 152 6.14 -14.23 4.02
C TYR A 152 6.61 -12.80 4.17
N VAL A 153 6.12 -12.13 5.20
CA VAL A 153 6.37 -10.68 5.40
C VAL A 153 7.29 -10.52 6.64
N GLY A 154 8.30 -9.65 6.53
CA GLY A 154 9.06 -9.27 7.67
C GLY A 154 9.97 -8.06 7.38
N GLU A 155 11.10 -8.06 8.06
CA GLU A 155 12.12 -6.98 8.00
C GLU A 155 13.12 -7.35 6.94
N LEU A 156 13.29 -6.49 5.98
CA LEU A 156 14.28 -6.77 4.91
C LEU A 156 15.67 -6.49 5.44
N ILE A 157 16.58 -7.43 5.24
CA ILE A 157 17.94 -7.27 5.74
C ILE A 157 18.92 -7.82 4.74
N SER A 158 20.17 -7.36 4.83
CA SER A 158 21.22 -7.97 3.98
C SER A 158 21.59 -9.34 4.48
N ASP A 159 22.14 -10.15 3.58
CA ASP A 159 22.81 -11.41 3.90
C ASP A 159 23.80 -11.28 5.03
N ALA A 160 24.63 -10.24 5.04
CA ALA A 160 25.59 -10.02 6.10
C ALA A 160 24.95 -9.78 7.46
N GLU A 161 23.93 -8.90 7.51
CA GLU A 161 23.17 -8.71 8.73
C GLU A 161 22.50 -10.04 9.19
N ALA A 162 21.93 -10.78 8.25
CA ALA A 162 21.34 -12.08 8.58
C ALA A 162 22.31 -13.02 9.27
N ASP A 163 23.58 -12.94 8.87
CA ASP A 163 24.60 -13.79 9.45
C ASP A 163 24.93 -13.47 10.86
N VAL A 164 24.61 -12.27 11.33
CA VAL A 164 24.85 -11.93 12.72
C VAL A 164 23.64 -11.80 13.58
N ARG A 165 22.51 -12.22 13.07
CA ARG A 165 21.31 -12.14 13.87
C ARG A 165 21.35 -13.25 14.92
N GLU A 166 21.11 -12.91 16.17
CA GLU A 166 21.23 -13.92 17.20
C GLU A 166 20.12 -14.98 17.01
N ASP A 167 18.86 -14.54 16.87
CA ASP A 167 17.75 -15.49 16.73
C ASP A 167 17.61 -15.82 15.23
N ASP A 168 17.87 -17.05 14.83
CA ASP A 168 17.73 -17.42 13.40
C ASP A 168 16.56 -18.37 13.16
N SER A 169 15.45 -18.15 13.84
CA SER A 169 14.30 -19.08 13.67
C SER A 169 13.28 -18.55 12.67
N TYR A 170 13.46 -17.31 12.21
CA TYR A 170 12.49 -16.67 11.31
C TYR A 170 13.11 -15.98 10.12
N LEU A 171 14.20 -16.55 9.59
CA LEU A 171 14.86 -15.95 8.47
C LEU A 171 14.48 -16.66 7.21
N PHE A 172 14.31 -15.90 6.12
CA PHE A 172 13.97 -16.43 4.81
C PHE A 172 14.88 -15.74 3.74
N ASP A 173 15.73 -16.53 3.12
CA ASP A 173 16.61 -16.07 2.04
C ASP A 173 15.81 -15.78 0.80
N LEU A 174 15.98 -14.56 0.26
CA LEU A 174 15.33 -14.20 -1.02
C LEU A 174 16.00 -14.79 -2.27
N ASP A 175 17.24 -15.19 -2.15
CA ASP A 175 18.03 -15.63 -3.28
C ASP A 175 19.05 -16.62 -2.73
N ASN A 176 19.21 -17.73 -3.42
CA ASN A 176 20.18 -18.74 -2.99
C ASN A 176 21.63 -18.55 -3.52
N LYS A 177 21.88 -17.57 -4.39
CA LYS A 177 23.26 -17.34 -4.90
C LYS A 177 23.97 -16.54 -3.88
N ASP A 178 25.29 -16.36 -4.07
CA ASP A 178 26.05 -15.48 -3.17
C ASP A 178 26.17 -14.08 -3.82
N GLY A 179 26.92 -13.20 -3.18
CA GLY A 179 26.98 -11.81 -3.58
C GLY A 179 25.89 -10.98 -2.91
N GLU A 180 25.38 -9.98 -3.63
CA GLU A 180 24.51 -8.99 -3.01
C GLU A 180 23.06 -9.55 -2.90
N VAL A 181 22.84 -10.25 -1.80
CA VAL A 181 21.62 -11.03 -1.61
C VAL A 181 20.99 -10.56 -0.35
N TYR A 182 19.65 -10.73 -0.29
CA TYR A 182 18.89 -10.20 0.86
C TYR A 182 17.96 -11.29 1.49
N CYS A 183 17.47 -10.96 2.67
N CYS A 183 17.49 -10.98 2.69
CA CYS A 183 16.71 -11.90 3.48
CA CYS A 183 16.70 -11.92 3.50
C CYS A 183 15.54 -11.20 4.11
C CYS A 183 15.53 -11.21 4.11
N ILE A 184 14.49 -11.96 4.48
CA ILE A 184 13.42 -11.40 5.32
C ILE A 184 13.62 -11.98 6.69
N ASP A 185 13.75 -11.17 7.69
CA ASP A 185 13.73 -11.66 9.04
C ASP A 185 12.37 -11.34 9.66
N ALA A 186 11.60 -12.37 10.00
CA ALA A 186 10.31 -12.14 10.67
C ALA A 186 10.34 -12.24 12.21
N ARG A 187 11.52 -12.15 12.83
CA ARG A 187 11.64 -12.29 14.27
C ARG A 187 11.04 -11.15 15.02
N TYR A 188 11.34 -9.93 14.60
CA TYR A 188 10.93 -8.75 15.32
C TYR A 188 9.72 -8.14 14.72
N TYR A 189 9.61 -8.24 13.39
CA TYR A 189 8.52 -7.69 12.60
C TYR A 189 8.11 -8.76 11.64
N GLY A 190 6.81 -9.18 11.65
CA GLY A 190 6.38 -10.24 10.75
C GLY A 190 4.88 -10.32 10.61
N ASN A 191 4.39 -11.15 9.71
CA ASN A 191 2.93 -11.40 9.67
C ASN A 191 2.64 -12.85 10.10
N ILE A 192 1.44 -13.34 9.77
CA ILE A 192 1.05 -14.67 10.10
C ILE A 192 2.03 -15.77 9.67
N SER A 193 2.71 -15.58 8.53
N SER A 193 2.70 -15.59 8.54
CA SER A 193 3.66 -16.56 8.00
CA SER A 193 3.65 -16.56 8.02
C SER A 193 4.82 -16.91 8.94
C SER A 193 4.82 -16.91 8.94
N ARG A 194 5.15 -16.01 9.84
CA ARG A 194 6.20 -16.27 10.80
C ARG A 194 5.90 -17.45 11.69
N PHE A 195 4.61 -17.81 11.75
CA PHE A 195 4.17 -18.96 12.57
C PHE A 195 3.95 -20.26 11.84
N ILE A 196 4.21 -20.27 10.57
CA ILE A 196 4.10 -21.48 9.76
C ILE A 196 5.28 -22.39 10.01
N ASN A 197 5.00 -23.64 10.42
CA ASN A 197 6.02 -24.65 10.76
C ASN A 197 6.51 -25.40 9.51
N HIS A 198 7.67 -26.00 9.65
CA HIS A 198 8.18 -26.86 8.64
C HIS A 198 7.47 -28.19 8.63
N LEU A 199 7.16 -28.68 7.43
CA LEU A 199 6.58 -30.02 7.36
C LEU A 199 7.39 -30.77 6.33
N CYS A 200 7.80 -32.01 6.65
CA CYS A 200 8.48 -32.81 5.63
C CYS A 200 7.56 -33.24 4.51
N ASP A 201 6.25 -33.29 4.78
CA ASP A 201 5.22 -33.46 3.75
C ASP A 201 4.39 -32.13 3.55
N PRO A 202 5.00 -31.12 2.90
CA PRO A 202 4.43 -29.74 2.93
C PRO A 202 3.17 -29.65 2.14
N ASN A 203 2.28 -28.71 2.52
CA ASN A 203 1.12 -28.47 1.68
C ASN A 203 1.07 -27.07 1.04
N ILE A 204 2.16 -26.31 1.18
CA ILE A 204 2.24 -25.02 0.55
C ILE A 204 3.65 -24.82 0.05
N ILE A 205 3.77 -24.01 -0.99
CA ILE A 205 5.04 -23.68 -1.57
C ILE A 205 5.27 -22.19 -1.75
N PRO A 206 6.56 -21.76 -1.58
CA PRO A 206 6.90 -20.35 -1.74
C PRO A 206 7.21 -20.03 -3.22
N VAL A 207 6.72 -18.87 -3.69
CA VAL A 207 6.83 -18.44 -5.05
C VAL A 207 7.26 -16.97 -5.02
N ARG A 208 8.27 -16.62 -5.83
CA ARG A 208 8.78 -15.26 -5.88
C ARG A 208 7.88 -14.42 -6.79
N VAL A 209 7.47 -13.24 -6.29
CA VAL A 209 6.47 -12.40 -6.95
C VAL A 209 6.90 -10.93 -6.94
N PHE A 210 6.66 -10.27 -8.07
CA PHE A 210 6.85 -8.82 -8.24
C PHE A 210 5.52 -8.12 -8.49
N MET A 211 5.31 -7.02 -7.78
CA MET A 211 4.06 -6.28 -7.80
C MET A 211 4.34 -4.80 -8.06
N LEU A 212 4.49 -4.00 -7.01
CA LEU A 212 4.63 -2.54 -7.21
C LEU A 212 6.03 -2.09 -7.68
N HIS A 213 7.04 -2.95 -7.53
CA HIS A 213 8.33 -2.71 -8.08
C HIS A 213 8.80 -3.98 -8.77
N GLN A 214 9.92 -3.84 -9.50
CA GLN A 214 10.56 -4.99 -10.10
C GLN A 214 12.07 -5.05 -9.81
N ASP A 215 12.46 -4.62 -8.62
CA ASP A 215 13.82 -4.76 -8.15
C ASP A 215 14.07 -6.25 -7.85
N LEU A 216 14.88 -6.89 -8.71
CA LEU A 216 15.13 -8.31 -8.58
C LEU A 216 15.82 -8.80 -7.33
N ARG A 217 16.40 -7.88 -6.53
CA ARG A 217 16.94 -8.18 -5.26
C ARG A 217 15.89 -8.51 -4.18
N PHE A 218 14.66 -8.05 -4.43
CA PHE A 218 13.63 -8.02 -3.43
C PHE A 218 12.34 -8.63 -3.95
N PRO A 219 12.44 -9.90 -4.34
CA PRO A 219 11.20 -10.58 -4.60
C PRO A 219 10.40 -10.68 -3.31
N ARG A 220 9.07 -10.72 -3.45
CA ARG A 220 8.17 -10.97 -2.37
C ARG A 220 7.78 -12.46 -2.43
N ILE A 221 7.68 -13.07 -1.25
CA ILE A 221 7.52 -14.50 -1.14
C ILE A 221 6.02 -14.81 -0.86
N ALA A 222 5.39 -15.43 -1.82
CA ALA A 222 3.99 -15.78 -1.75
C ALA A 222 3.84 -17.28 -1.54
N PHE A 223 3.04 -17.68 -0.55
CA PHE A 223 2.75 -19.11 -0.37
C PHE A 223 1.47 -19.44 -1.08
N PHE A 224 1.55 -20.48 -1.91
CA PHE A 224 0.35 -21.08 -2.51
C PHE A 224 0.20 -22.54 -2.06
N SER A 225 -1.04 -23.02 -1.95
CA SER A 225 -1.31 -24.45 -1.64
C SER A 225 -0.78 -25.32 -2.77
N SER A 226 -0.11 -26.39 -2.41
CA SER A 226 0.48 -27.29 -3.41
C SER A 226 -0.45 -28.46 -3.67
N ARG A 227 -1.51 -28.55 -2.91
CA ARG A 227 -2.50 -29.60 -3.10
C ARG A 227 -3.76 -29.12 -2.49
N ASP A 228 -4.85 -29.87 -2.62
CA ASP A 228 -6.06 -29.51 -1.89
C ASP A 228 -5.75 -29.70 -0.42
N ILE A 229 -6.23 -28.78 0.41
CA ILE A 229 -5.98 -28.75 1.83
C ILE A 229 -7.32 -28.87 2.55
N ARG A 230 -7.34 -29.73 3.55
CA ARG A 230 -8.57 -30.01 4.29
C ARG A 230 -8.76 -29.09 5.43
N THR A 231 -10.03 -28.87 5.81
CA THR A 231 -10.31 -28.00 7.00
C THR A 231 -9.54 -28.51 8.18
N GLY A 232 -8.95 -27.62 8.99
CA GLY A 232 -8.26 -28.01 10.23
C GLY A 232 -6.81 -28.41 10.00
N GLU A 233 -6.38 -28.60 8.76
CA GLU A 233 -4.99 -29.02 8.48
C GLU A 233 -3.98 -27.90 8.81
N GLU A 234 -2.95 -28.28 9.52
CA GLU A 234 -1.81 -27.42 9.71
C GLU A 234 -1.18 -27.09 8.35
N LEU A 235 -0.87 -25.81 8.15
CA LEU A 235 -0.11 -25.39 7.00
C LEU A 235 1.37 -25.55 7.26
N GLY A 236 2.08 -25.94 6.21
CA GLY A 236 3.52 -26.11 6.31
C GLY A 236 4.25 -26.13 5.02
N PHE A 237 5.46 -25.54 5.02
CA PHE A 237 6.36 -25.61 3.86
C PHE A 237 7.63 -26.31 4.24
N ASP A 238 8.40 -26.71 3.23
CA ASP A 238 9.73 -27.29 3.48
C ASP A 238 10.77 -26.19 3.62
N TYR A 239 11.21 -25.95 4.84
CA TYR A 239 12.14 -24.87 5.12
C TYR A 239 13.44 -25.09 4.34
N GLY A 240 13.75 -26.34 3.96
CA GLY A 240 14.98 -26.65 3.22
C GLY A 240 16.19 -27.04 4.08
N ASP A 241 17.19 -27.67 3.45
CA ASP A 241 18.40 -28.14 4.16
C ASP A 241 19.32 -27.01 4.68
N ARG A 242 19.30 -25.83 4.07
CA ARG A 242 20.03 -24.62 4.57
C ARG A 242 19.48 -24.07 5.92
N PHE A 243 18.34 -24.63 6.36
CA PHE A 243 17.80 -24.43 7.70
C PHE A 243 18.22 -25.64 8.62
N TRP A 244 17.95 -26.84 8.17
CA TRP A 244 18.09 -28.00 9.01
C TRP A 244 19.55 -28.40 9.31
N ASP A 245 20.45 -28.12 8.38
CA ASP A 245 21.88 -28.46 8.58
C ASP A 245 22.38 -27.67 9.75
N ILE A 246 21.88 -26.46 9.90
CA ILE A 246 22.22 -25.74 11.06
C ILE A 246 21.38 -26.10 12.29
N LYS A 247 20.03 -26.20 12.15
CA LYS A 247 19.15 -26.24 13.33
C LYS A 247 19.08 -27.59 14.02
N SER A 248 19.38 -28.66 13.29
CA SER A 248 19.18 -29.98 13.82
C SER A 248 20.12 -30.32 14.97
N LYS A 249 21.18 -29.54 15.19
CA LYS A 249 21.98 -29.67 16.42
C LYS A 249 21.18 -29.25 17.62
N TYR A 250 20.16 -28.43 17.44
CA TYR A 250 19.52 -27.80 18.58
C TYR A 250 18.18 -28.45 18.85
N PHE A 251 17.50 -28.89 17.78
CA PHE A 251 16.28 -29.65 17.89
C PHE A 251 16.07 -30.45 16.61
N THR A 252 15.19 -31.45 16.65
CA THR A 252 14.84 -32.22 15.49
C THR A 252 13.37 -32.09 15.13
N CYS A 253 13.01 -32.60 13.98
CA CYS A 253 11.71 -32.40 13.38
C CYS A 253 10.67 -33.23 14.07
N GLN A 254 9.57 -32.59 14.37
CA GLN A 254 8.43 -33.25 15.00
C GLN A 254 7.26 -33.36 14.10
N CYS A 255 7.44 -33.26 12.78
CA CYS A 255 6.29 -33.21 11.94
C CYS A 255 5.51 -34.50 12.03
N GLY A 256 6.14 -35.61 12.41
CA GLY A 256 5.40 -36.85 12.60
C GLY A 256 5.04 -37.60 11.34
N SER A 257 5.50 -37.16 10.17
CA SER A 257 5.19 -37.82 8.89
C SER A 257 6.03 -39.07 8.72
N GLU A 258 5.47 -40.09 8.10
CA GLU A 258 6.30 -41.24 7.70
C GLU A 258 7.41 -40.84 6.73
N LYS A 259 7.24 -39.73 6.00
CA LYS A 259 8.29 -39.20 5.12
C LYS A 259 9.35 -38.32 5.80
N CYS A 260 9.29 -38.19 7.11
CA CYS A 260 10.18 -37.25 7.78
C CYS A 260 11.64 -37.51 7.50
N LYS A 261 12.38 -36.48 7.12
CA LYS A 261 13.80 -36.57 6.81
C LYS A 261 14.62 -35.91 7.85
N HIS A 262 13.99 -35.29 8.84
CA HIS A 262 14.75 -34.51 9.79
C HIS A 262 14.47 -34.82 11.26
N SER A 263 13.73 -35.91 11.52
CA SER A 263 13.53 -36.46 12.88
C SER A 263 14.87 -37.03 13.42
N ALA A 264 14.90 -37.20 14.74
CA ALA A 264 16.02 -37.81 15.41
C ALA A 264 16.25 -39.16 14.80
N GLU A 265 15.19 -39.90 14.53
CA GLU A 265 15.31 -41.24 13.96
C GLU A 265 15.93 -41.20 12.54
N ALA A 266 15.35 -40.40 11.66
CA ALA A 266 15.95 -40.15 10.37
C ALA A 266 17.43 -39.76 10.41
N ILE A 267 17.81 -38.81 11.24
CA ILE A 267 19.16 -38.37 11.28
C ILE A 267 20.07 -39.49 11.79
N ALA A 268 19.62 -40.12 12.86
CA ALA A 268 20.35 -41.24 13.46
C ALA A 268 20.58 -42.34 12.41
N LEU A 269 19.54 -42.71 11.66
CA LEU A 269 19.67 -43.74 10.62
C LEU A 269 20.72 -43.38 9.56
N GLU A 270 20.67 -42.13 9.07
CA GLU A 270 21.63 -41.67 8.03
C GLU A 270 23.06 -41.67 8.57
N GLN A 271 23.18 -41.25 9.82
CA GLN A 271 24.42 -41.21 10.55
C GLN A 271 25.03 -42.61 10.56
N SER A 272 24.19 -43.62 10.79
CA SER A 272 24.64 -45.01 10.81
C SER A 272 25.06 -45.45 9.42
N ARG A 273 26.23 -46.08 9.33
CA ARG A 273 26.77 -46.56 8.06
C ARG A 273 28.22 -47.03 8.21
N LYS B 2 26.18 -21.17 5.75
CA LYS B 2 26.24 -19.82 6.38
C LYS B 2 26.32 -19.95 7.89
N GLN B 3 26.37 -18.83 8.58
CA GLN B 3 26.44 -18.82 10.03
C GLN B 3 25.08 -19.10 10.67
N THR B 4 24.02 -18.55 10.07
CA THR B 4 22.71 -18.62 10.68
C THR B 4 21.85 -19.42 9.73
N ALA B 5 20.84 -20.05 10.32
CA ALA B 5 19.87 -20.84 9.59
C ALA B 5 18.88 -19.87 8.92
N ARG B 6 18.54 -20.19 7.68
CA ARG B 6 17.53 -19.48 6.90
C ARG B 6 16.72 -20.49 6.16
N ALA B 7 15.40 -20.27 6.17
CA ALA B 7 14.54 -20.98 5.25
C ALA B 7 14.83 -20.44 3.89
N SER B 8 14.52 -21.23 2.89
CA SER B 8 14.84 -20.89 1.55
C SER B 8 13.99 -21.74 0.62
N THR B 9 13.84 -21.31 -0.63
CA THR B 9 13.32 -22.15 -1.70
C THR B 9 14.48 -23.03 -2.19
N GLU C 4 -24.52 15.13 -18.61
CA GLU C 4 -25.24 14.37 -19.71
C GLU C 4 -24.61 12.98 -19.95
N LYS C 5 -23.94 12.77 -21.09
CA LYS C 5 -23.48 11.42 -21.49
C LYS C 5 -22.34 10.94 -20.61
N ILE C 6 -22.43 9.71 -20.12
CA ILE C 6 -21.34 9.04 -19.41
C ILE C 6 -20.31 8.52 -20.39
N ILE C 7 -19.09 9.05 -20.35
CA ILE C 7 -18.09 8.64 -21.34
C ILE C 7 -16.94 7.84 -20.77
N CYS C 8 -16.92 7.66 -19.45
CA CYS C 8 -15.99 6.73 -18.80
C CYS C 8 -16.66 6.34 -17.50
N ARG C 9 -16.84 5.04 -17.28
CA ARG C 9 -17.45 4.53 -16.03
C ARG C 9 -16.54 4.76 -14.82
N ASP C 10 -15.23 4.80 -15.05
CA ASP C 10 -14.28 5.05 -13.96
C ASP C 10 -12.94 5.45 -14.48
N VAL C 11 -12.62 6.73 -14.34
CA VAL C 11 -11.32 7.19 -14.77
C VAL C 11 -10.16 6.57 -13.97
N ALA C 12 -10.40 6.04 -12.76
CA ALA C 12 -9.38 5.50 -11.89
C ALA C 12 -9.13 4.04 -12.15
N ARG C 13 -9.91 3.44 -13.06
CA ARG C 13 -9.70 2.05 -13.48
C ARG C 13 -9.66 1.09 -12.29
N GLY C 14 -10.57 1.31 -11.36
CA GLY C 14 -10.72 0.45 -10.14
C GLY C 14 -9.70 0.68 -9.02
N TYR C 15 -8.84 1.69 -9.15
CA TYR C 15 -7.81 1.88 -8.14
C TYR C 15 -8.32 2.59 -6.93
N GLU C 16 -9.45 3.27 -6.99
CA GLU C 16 -9.95 3.92 -5.78
C GLU C 16 -10.99 3.03 -5.11
N ASN C 17 -11.40 3.41 -3.90
CA ASN C 17 -12.47 2.63 -3.21
C ASN C 17 -13.76 2.64 -3.98
N VAL C 18 -14.00 3.73 -4.67
CA VAL C 18 -15.22 3.96 -5.49
C VAL C 18 -14.88 4.42 -6.92
N PRO C 19 -15.78 4.19 -7.86
CA PRO C 19 -15.56 4.63 -9.23
C PRO C 19 -15.72 6.12 -9.32
N ILE C 20 -14.99 6.72 -10.27
CA ILE C 20 -15.11 8.15 -10.57
C ILE C 20 -15.42 8.25 -12.08
N PRO C 21 -16.72 8.36 -12.40
CA PRO C 21 -17.17 8.48 -13.78
C PRO C 21 -16.85 9.84 -14.40
N CYS C 22 -16.81 9.85 -15.73
CA CYS C 22 -16.60 11.08 -16.51
C CYS C 22 -17.80 11.31 -17.44
N VAL C 23 -18.28 12.54 -17.42
CA VAL C 23 -19.36 12.98 -18.32
C VAL C 23 -18.99 14.25 -19.01
N ASN C 24 -19.65 14.48 -20.15
CA ASN C 24 -19.54 15.74 -20.86
C ASN C 24 -20.89 16.10 -21.49
N GLY C 25 -21.49 17.15 -20.97
CA GLY C 25 -22.74 17.69 -21.51
C GLY C 25 -22.57 19.06 -22.13
N VAL C 26 -21.33 19.45 -22.42
CA VAL C 26 -21.00 20.80 -22.88
C VAL C 26 -20.46 20.88 -24.32
N ASP C 27 -19.55 20.00 -24.64
CA ASP C 27 -18.87 20.06 -25.92
C ASP C 27 -18.43 18.70 -26.36
N GLY C 28 -17.61 18.64 -27.42
CA GLY C 28 -17.23 17.41 -28.04
C GLY C 28 -15.90 16.84 -27.56
N GLU C 29 -15.35 17.41 -26.49
CA GLU C 29 -14.04 16.96 -26.01
C GLU C 29 -14.14 15.54 -25.45
N PRO C 30 -13.26 14.64 -25.89
CA PRO C 30 -13.35 13.29 -25.45
C PRO C 30 -12.73 13.16 -24.02
N CYS C 31 -13.04 12.06 -23.35
CA CYS C 31 -12.47 11.74 -22.03
C CYS C 31 -10.99 11.93 -22.04
N PRO C 32 -10.41 12.67 -21.07
CA PRO C 32 -8.99 13.01 -21.11
C PRO C 32 -8.13 11.79 -20.79
N GLU C 33 -7.16 11.48 -21.66
CA GLU C 33 -6.31 10.28 -21.52
C GLU C 33 -4.82 10.60 -21.67
N ASP C 34 -4.47 11.88 -21.72
CA ASP C 34 -3.09 12.29 -21.91
CA ASP C 34 -3.13 12.32 -21.91
C ASP C 34 -2.30 12.26 -20.60
N TYR C 35 -2.61 11.29 -19.76
CA TYR C 35 -1.88 11.13 -18.44
C TYR C 35 -2.12 9.75 -17.96
N LYS C 36 -1.32 9.30 -16.99
CA LYS C 36 -1.52 8.03 -16.38
C LYS C 36 -2.21 8.17 -15.04
N TYR C 37 -3.40 7.60 -14.89
CA TYR C 37 -4.05 7.64 -13.57
C TYR C 37 -3.32 6.71 -12.56
N ILE C 38 -2.95 7.28 -11.41
CA ILE C 38 -2.31 6.53 -10.33
C ILE C 38 -3.01 6.94 -9.06
N SER C 39 -3.19 6.02 -8.19
CA SER C 39 -3.82 6.35 -6.88
C SER C 39 -2.87 6.73 -5.76
N GLU C 40 -1.58 6.45 -5.90
CA GLU C 40 -0.56 6.83 -4.91
C GLU C 40 0.66 7.47 -5.60
N ASN C 41 1.35 8.35 -4.88
CA ASN C 41 2.43 9.07 -5.47
C ASN C 41 3.52 8.16 -6.06
N CYS C 42 4.10 8.58 -7.16
CA CYS C 42 5.17 7.83 -7.84
C CYS C 42 6.42 8.64 -7.89
N GLU C 43 7.52 7.94 -8.20
CA GLU C 43 8.87 8.43 -8.27
C GLU C 43 9.39 8.16 -9.64
N THR C 44 10.17 9.11 -10.16
CA THR C 44 10.87 8.93 -11.45
C THR C 44 12.37 9.30 -11.33
N SER C 45 12.89 9.41 -10.14
CA SER C 45 14.35 9.60 -9.91
C SER C 45 14.64 9.16 -8.48
N THR C 46 15.91 9.12 -8.05
CA THR C 46 16.18 8.53 -6.70
C THR C 46 15.78 9.58 -5.60
N MET C 47 14.78 9.27 -4.78
CA MET C 47 14.23 10.20 -3.78
C MET C 47 14.60 9.70 -2.37
N ASN C 48 14.70 8.38 -2.22
CA ASN C 48 14.97 7.66 -0.96
C ASN C 48 14.14 8.19 0.18
N ILE C 49 12.84 8.13 -0.04
CA ILE C 49 11.96 8.44 1.05
C ILE C 49 12.32 7.55 2.24
N ASP C 50 12.39 8.17 3.40
CA ASP C 50 12.74 7.47 4.64
C ASP C 50 11.57 6.60 5.10
N ARG C 51 11.70 5.32 4.88
CA ARG C 51 10.66 4.35 5.25
C ARG C 51 11.08 3.45 6.38
N ASN C 52 12.13 3.83 7.08
CA ASN C 52 12.65 3.05 8.18
C ASN C 52 11.61 3.03 9.27
N ILE C 53 11.13 1.84 9.59
CA ILE C 53 10.00 1.70 10.53
C ILE C 53 10.36 2.25 11.92
N THR C 54 11.65 2.24 12.27
CA THR C 54 12.12 2.68 13.58
C THR C 54 12.18 4.19 13.64
N HIS C 55 12.01 4.88 12.51
CA HIS C 55 11.91 6.37 12.53
C HIS C 55 10.51 6.87 12.65
N LEU C 56 9.54 5.97 12.73
CA LEU C 56 8.15 6.42 12.94
C LEU C 56 7.90 6.75 14.40
N GLN C 57 7.40 7.95 14.65
CA GLN C 57 6.75 8.22 15.92
C GLN C 57 5.43 7.50 15.91
N HIS C 58 5.04 6.93 17.04
CA HIS C 58 3.92 6.01 17.06
C HIS C 58 3.34 5.98 18.46
N CYS C 59 2.09 5.56 18.55
CA CYS C 59 1.40 5.52 19.81
C CYS C 59 1.35 4.12 20.43
N THR C 60 1.00 4.12 21.72
CA THR C 60 0.82 2.92 22.51
C THR C 60 -0.63 2.65 22.92
N CYS C 61 -1.59 3.40 22.35
CA CYS C 61 -2.96 3.22 22.69
C CYS C 61 -3.47 1.79 22.56
N VAL C 62 -4.25 1.37 23.57
CA VAL C 62 -5.03 0.12 23.43
C VAL C 62 -6.52 0.31 23.21
N ASP C 63 -6.92 1.56 23.05
CA ASP C 63 -8.29 1.90 22.67
C ASP C 63 -8.32 2.27 21.18
N ASP C 64 -9.29 3.10 20.79
CA ASP C 64 -9.48 3.51 19.39
C ASP C 64 -8.79 4.82 19.05
N CYS C 65 -7.80 5.25 19.84
CA CYS C 65 -7.05 6.45 19.61
C CYS C 65 -7.96 7.71 19.67
N SER C 66 -9.04 7.65 20.45
CA SER C 66 -9.88 8.79 20.61
C SER C 66 -9.47 9.62 21.87
N SER C 67 -8.51 9.16 22.67
CA SER C 67 -8.17 9.93 23.88
C SER C 67 -7.11 10.95 23.57
N SER C 68 -7.03 12.01 24.35
CA SER C 68 -5.98 12.99 24.18
C SER C 68 -4.57 12.49 24.54
N ASN C 69 -4.46 11.28 25.08
CA ASN C 69 -3.20 10.71 25.40
C ASN C 69 -2.50 10.05 24.19
N CYS C 70 -3.19 9.90 23.07
CA CYS C 70 -2.56 9.34 21.85
C CYS C 70 -1.41 10.21 21.39
N LEU C 71 -0.23 9.65 21.33
CA LEU C 71 0.94 10.38 20.97
C LEU C 71 0.76 10.98 19.56
N CYS C 72 0.17 10.19 18.66
CA CYS C 72 0.06 10.61 17.23
C CYS C 72 -0.82 11.87 17.10
N GLY C 73 -1.92 11.86 17.81
CA GLY C 73 -2.73 13.08 17.98
C GLY C 73 -1.94 14.25 18.56
N GLN C 74 -1.22 14.01 19.65
CA GLN C 74 -0.41 15.09 20.23
C GLN C 74 0.61 15.72 19.30
N LEU C 75 1.09 14.99 18.28
CA LEU C 75 2.00 15.54 17.29
C LEU C 75 1.37 16.65 16.43
N SER C 76 0.04 16.76 16.44
CA SER C 76 -0.69 17.96 15.94
C SER C 76 -1.46 18.71 17.03
N ILE C 77 -0.87 18.77 18.21
CA ILE C 77 -1.49 19.28 19.44
C ILE C 77 -2.66 18.38 19.88
N ARG C 78 -3.57 18.07 18.97
CA ARG C 78 -4.61 17.05 19.22
C ARG C 78 -4.97 16.35 17.91
N CYS C 79 -5.67 15.22 17.98
CA CYS C 79 -6.25 14.64 16.78
C CYS C 79 -7.35 15.61 16.34
N TRP C 80 -7.44 15.90 15.05
CA TRP C 80 -8.46 16.85 14.58
C TRP C 80 -9.67 16.16 13.98
N TYR C 81 -9.73 14.84 14.05
CA TYR C 81 -10.84 14.10 13.50
C TYR C 81 -11.88 13.81 14.54
N ASP C 82 -13.13 14.07 14.24
CA ASP C 82 -14.20 13.65 15.11
C ASP C 82 -14.49 12.18 14.95
N LYS C 83 -15.49 11.68 15.66
CA LYS C 83 -15.75 10.23 15.63
C LYS C 83 -16.15 9.69 14.26
N ASP C 84 -16.59 10.57 13.34
CA ASP C 84 -17.01 10.13 11.99
C ASP C 84 -15.93 10.40 10.93
N GLY C 85 -14.76 10.85 11.35
CA GLY C 85 -13.65 11.03 10.38
C GLY C 85 -13.61 12.43 9.79
N ARG C 86 -14.34 13.38 10.37
CA ARG C 86 -14.38 14.73 9.87
C ARG C 86 -13.62 15.69 10.75
N LEU C 87 -13.04 16.68 10.14
CA LEU C 87 -12.26 17.69 10.87
C LEU C 87 -13.16 18.43 11.83
N LEU C 88 -12.64 18.72 13.02
CA LEU C 88 -13.40 19.45 14.04
C LEU C 88 -13.73 20.83 13.54
N GLN C 89 -14.91 21.34 13.91
CA GLN C 89 -15.32 22.69 13.56
C GLN C 89 -14.19 23.73 13.79
N GLU C 90 -13.46 23.58 14.89
CA GLU C 90 -12.41 24.52 15.30
C GLU C 90 -11.12 24.38 14.52
N PHE C 91 -11.07 23.39 13.63
CA PHE C 91 -9.85 23.18 12.88
C PHE C 91 -9.43 24.47 12.22
N ASN C 92 -8.15 24.78 12.29
CA ASN C 92 -7.64 25.98 11.64
C ASN C 92 -7.57 25.85 10.11
N LYS C 93 -8.54 26.45 9.40
CA LYS C 93 -8.64 26.32 7.94
C LYS C 93 -7.79 27.32 7.17
N ILE C 94 -7.20 28.28 7.86
CA ILE C 94 -6.33 29.29 7.27
C ILE C 94 -4.90 28.78 7.27
N GLU C 95 -4.42 28.32 8.43
CA GLU C 95 -3.06 27.81 8.60
C GLU C 95 -3.17 26.38 9.18
N PRO C 96 -3.51 25.42 8.33
CA PRO C 96 -3.76 24.08 8.92
C PRO C 96 -2.51 23.49 9.58
N PRO C 97 -2.67 22.71 10.65
CA PRO C 97 -1.48 22.01 11.19
C PRO C 97 -1.11 20.78 10.33
N LEU C 98 0.07 20.18 10.57
CA LEU C 98 0.46 18.94 9.93
C LEU C 98 -0.17 17.82 10.70
N ILE C 99 -0.83 16.91 10.02
CA ILE C 99 -1.53 15.85 10.69
C ILE C 99 -0.64 14.60 10.62
N PHE C 100 -0.46 13.92 11.76
CA PHE C 100 0.25 12.66 11.83
C PHE C 100 -0.77 11.59 12.15
N GLU C 101 -1.14 10.81 11.14
CA GLU C 101 -2.03 9.67 11.31
C GLU C 101 -1.28 8.50 11.95
N CYS C 102 -2.04 7.60 12.52
CA CYS C 102 -1.43 6.37 13.01
C CYS C 102 -0.91 5.53 11.87
N ASN C 103 -0.05 4.61 12.23
CA ASN C 103 0.76 3.95 11.27
C ASN C 103 1.08 2.52 11.71
N GLN C 104 1.85 1.79 10.90
CA GLN C 104 2.21 0.44 11.22
C GLN C 104 3.08 0.19 12.45
N ALA C 105 3.71 1.22 13.00
CA ALA C 105 4.43 1.06 14.28
C ALA C 105 3.52 1.21 15.54
N CYS C 106 2.37 1.85 15.36
CA CYS C 106 1.39 2.06 16.45
C CYS C 106 0.80 0.74 16.94
N SER C 107 0.48 0.67 18.24
CA SER C 107 -0.08 -0.51 18.82
C SER C 107 -1.55 -0.68 18.47
N CYS C 108 -2.20 0.37 17.94
CA CYS C 108 -3.65 0.39 17.72
C CYS C 108 -4.07 -0.38 16.47
N TRP C 109 -5.37 -0.56 16.33
CA TRP C 109 -5.96 -1.30 15.23
C TRP C 109 -6.09 -0.43 13.98
N ARG C 110 -6.18 -1.11 12.84
CA ARG C 110 -6.27 -0.44 11.57
C ARG C 110 -7.48 0.50 11.46
N ASN C 111 -8.53 0.25 12.25
CA ASN C 111 -9.72 1.08 12.24
C ASN C 111 -9.79 2.09 13.37
N CYS C 112 -8.63 2.48 13.92
CA CYS C 112 -8.64 3.50 14.93
C CYS C 112 -9.14 4.80 14.33
N LYS C 113 -9.34 5.80 15.20
CA LYS C 113 -9.95 7.05 14.78
C LYS C 113 -9.00 8.04 14.10
N ASN C 114 -7.71 7.73 14.00
CA ASN C 114 -6.75 8.59 13.44
C ASN C 114 -6.15 8.00 12.17
N ARG C 115 -7.02 7.52 11.28
CA ARG C 115 -6.66 6.89 10.02
C ARG C 115 -7.51 7.31 8.79
N VAL C 116 -7.94 8.55 8.78
CA VAL C 116 -8.90 8.95 7.79
C VAL C 116 -8.35 9.03 6.35
N VAL C 117 -7.23 9.69 6.16
CA VAL C 117 -6.71 9.86 4.82
C VAL C 117 -6.22 8.54 4.27
N GLN C 118 -5.57 7.74 5.09
CA GLN C 118 -5.02 6.47 4.61
C GLN C 118 -6.11 5.50 4.20
N SER C 119 -7.35 5.76 4.59
CA SER C 119 -8.45 4.90 4.22
C SER C 119 -9.07 5.24 2.85
N GLY C 120 -8.65 6.32 2.22
CA GLY C 120 -9.03 6.65 0.86
C GLY C 120 -10.37 7.31 0.64
N ILE C 121 -10.76 7.35 -0.65
CA ILE C 121 -11.92 8.15 -1.05
C ILE C 121 -13.18 7.42 -0.61
N LYS C 122 -14.12 8.15 -0.03
CA LYS C 122 -15.45 7.64 0.30
C LYS C 122 -16.64 8.36 -0.38
N VAL C 123 -16.45 9.60 -0.78
CA VAL C 123 -17.50 10.42 -1.42
C VAL C 123 -17.56 10.15 -2.92
N ARG C 124 -18.73 10.34 -3.47
CA ARG C 124 -18.97 10.07 -4.89
C ARG C 124 -18.71 11.34 -5.62
N LEU C 125 -17.73 11.27 -6.50
CA LEU C 125 -17.28 12.41 -7.25
C LEU C 125 -17.44 12.10 -8.74
N GLN C 126 -17.34 13.16 -9.53
CA GLN C 126 -17.50 13.06 -10.96
C GLN C 126 -16.60 14.01 -11.72
N LEU C 127 -15.96 13.48 -12.76
CA LEU C 127 -15.15 14.31 -13.65
C LEU C 127 -16.15 14.75 -14.74
N TYR C 128 -16.23 16.05 -14.97
CA TYR C 128 -17.20 16.63 -15.86
C TYR C 128 -16.66 17.84 -16.59
N ARG C 129 -17.28 18.12 -17.75
CA ARG C 129 -16.84 19.27 -18.55
C ARG C 129 -17.51 20.57 -18.05
N THR C 130 -16.69 21.54 -17.68
CA THR C 130 -17.18 22.83 -17.26
C THR C 130 -17.45 23.71 -18.46
N ALA C 131 -18.06 24.85 -18.22
CA ALA C 131 -18.31 25.79 -19.29
C ALA C 131 -17.09 26.54 -19.75
N LYS C 132 -16.20 26.95 -18.84
CA LYS C 132 -15.08 27.81 -19.16
C LYS C 132 -13.69 27.40 -18.64
N MET C 133 -13.66 26.36 -17.82
CA MET C 133 -12.42 25.97 -17.17
C MET C 133 -12.07 24.52 -17.50
N GLY C 134 -12.36 24.08 -18.70
CA GLY C 134 -12.06 22.66 -19.11
C GLY C 134 -12.75 21.65 -18.26
N TRP C 135 -12.02 20.63 -17.86
CA TRP C 135 -12.56 19.60 -17.04
C TRP C 135 -12.47 20.09 -15.57
N GLY C 136 -13.44 19.64 -14.81
CA GLY C 136 -13.47 19.83 -13.33
C GLY C 136 -14.03 18.62 -12.63
N VAL C 137 -14.08 18.73 -11.31
CA VAL C 137 -14.58 17.70 -10.46
C VAL C 137 -15.75 18.27 -9.63
N ARG C 138 -16.84 17.52 -9.60
CA ARG C 138 -17.95 17.87 -8.71
C ARG C 138 -18.42 16.74 -7.88
N ALA C 139 -19.18 17.11 -6.84
CA ALA C 139 -19.76 16.18 -5.94
C ALA C 139 -21.07 15.58 -6.44
N LEU C 140 -21.23 14.29 -6.32
CA LEU C 140 -22.50 13.60 -6.58
C LEU C 140 -23.35 13.32 -5.35
N GLN C 141 -23.02 13.96 -4.23
CA GLN C 141 -23.76 13.74 -2.99
C GLN C 141 -23.53 14.97 -2.17
N THR C 142 -24.31 15.16 -1.13
CA THR C 142 -23.97 16.21 -0.17
C THR C 142 -22.77 15.75 0.63
N ILE C 143 -21.94 16.72 0.98
CA ILE C 143 -20.70 16.49 1.73
C ILE C 143 -20.61 17.42 2.92
N PRO C 144 -20.78 16.87 4.15
CA PRO C 144 -20.62 17.77 5.28
C PRO C 144 -19.27 18.41 5.38
N GLN C 145 -19.20 19.56 6.00
CA GLN C 145 -17.94 20.22 6.30
C GLN C 145 -16.95 19.25 6.99
N GLY C 146 -15.66 19.41 6.69
CA GLY C 146 -14.60 18.58 7.32
C GLY C 146 -14.39 17.19 6.77
N THR C 147 -15.03 16.80 5.67
CA THR C 147 -15.00 15.46 5.15
C THR C 147 -13.76 15.34 4.24
N PHE C 148 -13.08 14.23 4.39
CA PHE C 148 -11.99 13.95 3.43
C PHE C 148 -12.61 13.69 2.07
N ILE C 149 -12.03 14.33 1.07
CA ILE C 149 -12.45 14.21 -0.31
C ILE C 149 -11.52 13.34 -1.17
N CYS C 150 -10.30 13.80 -1.29
CA CYS C 150 -9.30 13.08 -2.03
C CYS C 150 -7.95 13.66 -1.76
N GLU C 151 -6.93 12.91 -2.21
CA GLU C 151 -5.54 13.31 -2.07
C GLU C 151 -5.00 13.89 -3.38
N TYR C 152 -4.09 14.85 -3.29
CA TYR C 152 -3.39 15.32 -4.48
C TYR C 152 -2.21 14.41 -4.78
N VAL C 153 -2.38 13.54 -5.76
CA VAL C 153 -1.42 12.46 -6.05
C VAL C 153 -0.80 12.74 -7.40
N GLY C 154 0.53 12.52 -7.48
CA GLY C 154 1.23 12.58 -8.72
C GLY C 154 2.66 12.11 -8.56
N GLU C 155 3.48 12.65 -9.42
CA GLU C 155 4.91 12.34 -9.54
C GLU C 155 5.69 13.22 -8.61
N LEU C 156 6.47 12.62 -7.72
CA LEU C 156 7.27 13.43 -6.81
C LEU C 156 8.53 13.91 -7.53
N ILE C 157 8.81 15.19 -7.47
CA ILE C 157 9.98 15.75 -8.13
C ILE C 157 10.64 16.79 -7.27
N SER C 158 11.93 17.05 -7.58
CA SER C 158 12.61 18.12 -6.88
C SER C 158 12.17 19.47 -7.37
N ASP C 159 12.40 20.46 -6.50
CA ASP C 159 12.16 21.89 -6.85
C ASP C 159 12.87 22.28 -8.16
N ALA C 160 14.11 21.81 -8.35
CA ALA C 160 14.89 22.10 -9.54
C ALA C 160 14.27 21.52 -10.78
N GLU C 161 13.84 20.23 -10.74
CA GLU C 161 13.11 19.65 -11.84
C GLU C 161 11.79 20.42 -12.12
N ALA C 162 11.04 20.75 -11.08
CA ALA C 162 9.79 21.51 -11.20
C ALA C 162 9.99 22.86 -11.92
N ASP C 163 11.15 23.48 -11.68
CA ASP C 163 11.47 24.77 -12.33
C ASP C 163 11.66 24.61 -13.83
N VAL C 164 11.98 23.42 -14.33
CA VAL C 164 12.21 23.25 -15.76
C VAL C 164 11.11 22.49 -16.44
N ARG C 165 10.00 22.22 -15.76
CA ARG C 165 8.96 21.43 -16.38
C ARG C 165 8.27 22.33 -17.39
N GLU C 166 8.11 21.84 -18.61
CA GLU C 166 7.49 22.65 -19.69
C GLU C 166 6.02 22.99 -19.38
N ASP C 167 5.25 22.02 -18.89
CA ASP C 167 3.85 22.23 -18.44
C ASP C 167 3.79 22.46 -16.94
N ASP C 168 3.45 23.67 -16.52
CA ASP C 168 3.32 23.97 -15.11
C ASP C 168 1.87 24.19 -14.67
N SER C 169 0.94 23.42 -15.22
CA SER C 169 -0.47 23.55 -14.86
C SER C 169 -0.90 22.58 -13.76
N TYR C 170 -0.03 21.63 -13.41
CA TYR C 170 -0.38 20.60 -12.45
C TYR C 170 0.66 20.39 -11.37
N LEU C 171 1.30 21.45 -10.91
CA LEU C 171 2.33 21.32 -9.92
C LEU C 171 1.82 21.78 -8.57
N PHE C 172 2.26 21.08 -7.53
CA PHE C 172 1.85 21.37 -6.17
C PHE C 172 3.11 21.34 -5.30
N ASP C 173 3.42 22.48 -4.70
CA ASP C 173 4.56 22.60 -3.75
C ASP C 173 4.31 21.91 -2.44
N LEU C 174 5.22 20.99 -2.07
CA LEU C 174 5.15 20.39 -0.77
C LEU C 174 6.02 21.25 0.19
N ASP C 175 5.39 22.18 0.87
CA ASP C 175 6.02 23.24 1.76
C ASP C 175 5.92 24.71 1.22
N GLU C 180 15.44 23.53 -0.29
CA GLU C 180 15.15 22.13 -0.58
C GLU C 180 13.68 21.81 -0.30
N VAL C 181 12.87 22.01 -1.33
CA VAL C 181 11.45 21.78 -1.30
C VAL C 181 11.18 20.79 -2.43
N TYR C 182 10.15 19.97 -2.29
CA TYR C 182 9.83 19.01 -3.36
C TYR C 182 8.42 19.37 -3.79
N CYS C 183 8.03 18.81 -4.94
CA CYS C 183 6.76 19.12 -5.57
C CYS C 183 6.07 17.86 -6.04
N ILE C 184 4.75 17.91 -6.22
CA ILE C 184 4.08 16.85 -6.90
C ILE C 184 3.76 17.40 -8.28
N ASP C 185 4.12 16.68 -9.34
CA ASP C 185 3.64 17.09 -10.67
C ASP C 185 2.59 16.08 -11.05
N ALA C 186 1.35 16.50 -11.23
CA ALA C 186 0.33 15.60 -11.72
C ALA C 186 0.05 15.64 -13.24
N ARG C 187 0.92 16.23 -14.02
CA ARG C 187 0.77 16.29 -15.49
C ARG C 187 0.77 14.98 -16.18
N TYR C 188 1.80 14.15 -15.92
CA TYR C 188 1.96 12.86 -16.59
C TYR C 188 1.41 11.68 -15.83
N TYR C 189 1.48 11.76 -14.49
CA TYR C 189 0.94 10.79 -13.61
C TYR C 189 0.15 11.54 -12.55
N GLY C 190 -1.11 11.22 -12.35
CA GLY C 190 -1.90 11.93 -11.33
C GLY C 190 -3.16 11.16 -11.03
N ASN C 191 -3.93 11.63 -10.06
CA ASN C 191 -5.25 11.10 -9.84
C ASN C 191 -6.35 12.16 -10.10
N ILE C 192 -7.56 11.88 -9.62
CA ILE C 192 -8.71 12.76 -9.77
C ILE C 192 -8.44 14.21 -9.40
N SER C 193 -7.59 14.47 -8.41
CA SER C 193 -7.23 15.84 -7.98
C SER C 193 -6.61 16.72 -9.03
N ARG C 194 -6.00 16.12 -10.02
CA ARG C 194 -5.39 16.90 -11.13
C ARG C 194 -6.41 17.70 -11.92
N PHE C 195 -7.69 17.31 -11.80
CA PHE C 195 -8.77 17.98 -12.51
C PHE C 195 -9.56 18.98 -11.67
N ILE C 196 -9.15 19.16 -10.45
CA ILE C 196 -9.78 20.15 -9.57
C ILE C 196 -9.29 21.55 -9.92
N ASN C 197 -10.27 22.45 -10.25
CA ASN C 197 -10.01 23.80 -10.65
C ASN C 197 -9.85 24.75 -9.48
N HIS C 198 -9.27 25.88 -9.75
CA HIS C 198 -9.10 26.96 -8.78
C HIS C 198 -10.44 27.71 -8.62
N LEU C 199 -10.80 28.02 -7.39
CA LEU C 199 -12.00 28.84 -7.17
C LEU C 199 -11.57 29.94 -6.24
N CYS C 200 -11.95 31.19 -6.53
CA CYS C 200 -11.70 32.27 -5.56
C CYS C 200 -12.69 32.17 -4.32
N ASP C 201 -13.79 31.45 -4.47
CA ASP C 201 -14.66 31.08 -3.36
C ASP C 201 -14.58 29.58 -3.13
N PRO C 202 -13.43 29.09 -2.54
CA PRO C 202 -13.16 27.62 -2.54
C PRO C 202 -14.02 26.86 -1.58
N ASN C 203 -14.23 25.57 -1.82
CA ASN C 203 -15.03 24.79 -0.89
C ASN C 203 -14.22 23.60 -0.34
N ILE C 204 -12.92 23.55 -0.69
CA ILE C 204 -12.02 22.51 -0.10
C ILE C 204 -10.74 23.17 0.21
N ILE C 205 -10.00 22.56 1.16
CA ILE C 205 -8.68 23.00 1.52
C ILE C 205 -7.65 21.85 1.61
N PRO C 206 -6.41 22.14 1.22
CA PRO C 206 -5.34 21.15 1.31
C PRO C 206 -4.72 21.15 2.71
N VAL C 207 -4.42 19.92 3.17
CA VAL C 207 -3.82 19.68 4.47
C VAL C 207 -2.66 18.71 4.27
N ARG C 208 -1.51 19.02 4.91
CA ARG C 208 -0.36 18.12 4.89
C ARG C 208 -0.54 17.03 5.90
N VAL C 209 -0.36 15.79 5.44
CA VAL C 209 -0.58 14.60 6.23
C VAL C 209 0.57 13.58 6.10
N PHE C 210 0.87 12.92 7.22
CA PHE C 210 1.83 11.77 7.27
C PHE C 210 1.10 10.54 7.71
N MET C 211 1.41 9.43 7.03
CA MET C 211 0.84 8.19 7.23
C MET C 211 1.91 7.10 7.39
N LEU C 212 2.26 6.44 6.28
CA LEU C 212 3.14 5.25 6.39
C LEU C 212 4.61 5.61 6.60
N HIS C 213 4.97 6.85 6.35
CA HIS C 213 6.28 7.33 6.65
C HIS C 213 6.14 8.76 7.20
N GLN C 214 7.23 9.26 7.74
CA GLN C 214 7.22 10.59 8.38
C GLN C 214 8.43 11.39 7.83
N ASP C 215 8.77 11.12 6.58
CA ASP C 215 9.79 11.92 5.89
C ASP C 215 9.22 13.31 5.63
N LEU C 216 9.74 14.30 6.37
CA LEU C 216 9.20 15.63 6.32
C LEU C 216 9.34 16.35 4.96
N ARG C 217 10.17 15.83 4.06
CA ARG C 217 10.22 16.34 2.69
C ARG C 217 8.96 16.03 1.87
N PHE C 218 8.22 15.00 2.29
CA PHE C 218 7.19 14.42 1.51
C PHE C 218 5.88 14.30 2.23
N PRO C 219 5.36 15.44 2.69
CA PRO C 219 3.97 15.35 3.18
C PRO C 219 3.06 14.97 2.05
N ARG C 220 1.95 14.28 2.36
CA ARG C 220 0.94 13.97 1.41
C ARG C 220 -0.16 15.04 1.56
N ILE C 221 -0.74 15.42 0.44
CA ILE C 221 -1.72 16.52 0.40
C ILE C 221 -3.15 15.99 0.36
N ALA C 222 -3.91 16.24 1.43
CA ALA C 222 -5.27 15.77 1.57
C ALA C 222 -6.22 16.96 1.45
N PHE C 223 -7.25 16.78 0.65
CA PHE C 223 -8.28 17.83 0.57
C PHE C 223 -9.43 17.43 1.42
N PHE C 224 -9.84 18.39 2.26
CA PHE C 224 -11.03 18.30 3.02
C PHE C 224 -12.01 19.46 2.70
N SER C 225 -13.32 19.18 2.79
CA SER C 225 -14.38 20.20 2.56
C SER C 225 -14.29 21.27 3.63
N SER C 226 -14.40 22.52 3.23
CA SER C 226 -14.21 23.62 4.14
C SER C 226 -15.58 24.14 4.57
N ARG C 227 -16.63 23.57 4.00
CA ARG C 227 -18.01 23.90 4.36
C ARG C 227 -18.89 22.76 3.89
N ASP C 228 -20.18 22.80 4.20
CA ASP C 228 -21.06 21.78 3.68
C ASP C 228 -21.11 22.03 2.17
N ILE C 229 -21.17 20.94 1.41
CA ILE C 229 -21.17 21.02 -0.05
C ILE C 229 -22.43 20.33 -0.56
N ARG C 230 -23.12 21.00 -1.50
CA ARG C 230 -24.35 20.52 -2.10
C ARG C 230 -24.11 19.58 -3.26
N THR C 231 -25.01 18.62 -3.47
CA THR C 231 -24.94 17.73 -4.61
C THR C 231 -24.78 18.56 -5.90
N GLY C 232 -23.88 18.13 -6.79
CA GLY C 232 -23.65 18.83 -8.04
C GLY C 232 -22.67 19.98 -7.97
N GLU C 233 -22.31 20.44 -6.79
CA GLU C 233 -21.37 21.56 -6.72
C GLU C 233 -19.96 21.20 -7.22
N GLU C 234 -19.40 22.07 -8.03
CA GLU C 234 -17.96 21.98 -8.38
C GLU C 234 -17.07 22.11 -7.17
N LEU C 235 -16.11 21.19 -7.08
CA LEU C 235 -15.08 21.30 -6.08
C LEU C 235 -13.96 22.22 -6.55
N GLY C 236 -13.42 22.96 -5.62
CA GLY C 236 -12.34 23.82 -5.88
C GLY C 236 -11.59 24.31 -4.70
N PHE C 237 -10.28 24.52 -4.88
CA PHE C 237 -9.45 25.11 -3.87
C PHE C 237 -8.78 26.35 -4.37
N ASP C 238 -8.22 27.14 -3.45
CA ASP C 238 -7.48 28.31 -3.81
C ASP C 238 -6.04 27.92 -4.15
N TYR C 239 -5.69 27.92 -5.44
CA TYR C 239 -4.31 27.52 -5.84
C TYR C 239 -3.22 28.40 -5.22
N GLY C 240 -3.56 29.63 -4.86
CA GLY C 240 -2.57 30.54 -4.25
C GLY C 240 -1.84 31.48 -5.20
N ASP C 241 -1.24 32.55 -4.66
CA ASP C 241 -0.54 33.57 -5.49
C ASP C 241 0.78 33.08 -6.18
N ARG C 242 1.45 32.08 -5.63
CA ARG C 242 2.61 31.41 -6.27
C ARG C 242 2.27 30.58 -7.55
N PHE C 243 0.97 30.46 -7.82
CA PHE C 243 0.46 30.00 -9.09
C PHE C 243 0.07 31.24 -9.96
N TRP C 244 -0.75 32.12 -9.42
CA TRP C 244 -1.36 33.19 -10.26
C TRP C 244 -0.37 34.25 -10.72
N ASP C 245 0.66 34.53 -9.92
CA ASP C 245 1.64 35.56 -10.28
C ASP C 245 2.32 35.14 -11.54
N ILE C 246 2.51 33.84 -11.71
CA ILE C 246 3.09 33.35 -12.93
C ILE C 246 2.05 33.14 -14.02
N LYS C 247 0.90 32.53 -13.71
CA LYS C 247 -0.01 32.11 -14.75
C LYS C 247 -0.88 33.25 -15.35
N SER C 248 -1.10 34.32 -14.62
CA SER C 248 -2.07 35.30 -15.09
C SER C 248 -1.60 36.04 -16.35
N LYS C 249 -0.31 35.96 -16.70
CA LYS C 249 0.15 36.44 -18.01
C LYS C 249 -0.44 35.62 -19.12
N TYR C 250 -0.84 34.39 -18.85
CA TYR C 250 -1.27 33.51 -19.91
C TYR C 250 -2.75 33.37 -20.00
N PHE C 251 -3.41 33.39 -18.86
CA PHE C 251 -4.86 33.32 -18.79
C PHE C 251 -5.28 33.91 -17.43
N THR C 252 -6.54 34.31 -17.35
CA THR C 252 -7.12 34.82 -16.11
C THR C 252 -8.26 33.92 -15.61
N CYS C 253 -8.71 34.18 -14.40
CA CYS C 253 -9.64 33.33 -13.71
C CYS C 253 -11.05 33.43 -14.24
N GLN C 254 -11.65 32.29 -14.47
CA GLN C 254 -12.98 32.19 -15.01
C GLN C 254 -13.99 31.80 -13.97
N CYS C 255 -13.67 31.84 -12.67
CA CYS C 255 -14.80 31.83 -11.74
C CYS C 255 -15.03 33.34 -11.88
N GLY C 256 -16.25 33.84 -11.98
CA GLY C 256 -17.48 33.21 -11.71
C GLY C 256 -17.90 34.10 -10.57
N SER C 257 -17.03 34.19 -9.60
CA SER C 257 -17.43 34.70 -8.30
C SER C 257 -17.36 36.19 -8.26
N GLU C 258 -18.27 36.81 -7.54
CA GLU C 258 -18.15 38.23 -7.24
C GLU C 258 -16.95 38.53 -6.36
N LYS C 259 -16.43 37.54 -5.64
CA LYS C 259 -15.19 37.69 -4.88
C LYS C 259 -13.92 37.45 -5.75
N CYS C 260 -14.05 37.23 -7.05
CA CYS C 260 -12.88 36.86 -7.84
C CYS C 260 -11.74 37.85 -7.74
N LYS C 261 -10.53 37.35 -7.45
CA LYS C 261 -9.37 38.20 -7.29
C LYS C 261 -8.44 38.05 -8.46
N HIS C 262 -8.75 37.18 -9.41
CA HIS C 262 -7.77 36.90 -10.45
C HIS C 262 -8.30 37.00 -11.85
N SER C 263 -9.53 37.52 -12.01
CA SER C 263 -10.10 37.79 -13.33
C SER C 263 -9.34 38.94 -14.01
N ALA C 264 -9.51 39.03 -15.33
CA ALA C 264 -8.95 40.16 -16.09
C ALA C 264 -9.37 41.49 -15.51
N GLU C 265 -10.62 41.55 -15.14
CA GLU C 265 -11.16 42.80 -14.54
C GLU C 265 -10.53 43.13 -13.21
N ALA C 266 -10.55 42.16 -12.28
CA ALA C 266 -9.82 42.32 -11.02
C ALA C 266 -8.39 42.78 -11.18
N ILE C 267 -7.65 42.12 -12.05
CA ILE C 267 -6.26 42.49 -12.21
C ILE C 267 -6.14 43.89 -12.80
N ALA C 268 -6.92 44.15 -13.84
CA ALA C 268 -6.91 45.48 -14.49
C ALA C 268 -7.22 46.57 -13.48
N LEU C 269 -8.23 46.33 -12.63
CA LEU C 269 -8.62 47.32 -11.55
C LEU C 269 -7.51 47.60 -10.57
N GLU C 270 -6.85 46.56 -10.10
CA GLU C 270 -5.77 46.76 -9.17
C GLU C 270 -4.58 47.47 -9.82
N GLN C 271 -4.25 47.05 -11.03
CA GLN C 271 -3.25 47.72 -11.88
C GLN C 271 -3.42 49.26 -11.87
N SER C 272 -4.64 49.76 -12.13
CA SER C 272 -4.98 51.19 -11.88
C SER C 272 -4.76 51.49 -10.38
N ARG C 273 -3.49 51.68 -10.08
CA ARG C 273 -2.98 51.83 -8.75
C ARG C 273 -2.00 52.96 -8.88
N LEU C 274 -2.54 54.17 -8.75
CA LEU C 274 -1.77 55.40 -8.71
C LEU C 274 -2.13 56.04 -7.38
N THR D 1 11.36 33.95 -5.90
CA THR D 1 10.21 33.34 -6.65
C THR D 1 10.73 32.48 -7.83
N LYS D 2 9.98 31.41 -8.16
CA LYS D 2 10.48 30.36 -9.04
C LYS D 2 10.02 30.59 -10.50
N GLN D 3 10.60 29.84 -11.44
CA GLN D 3 10.24 29.95 -12.86
C GLN D 3 8.86 29.36 -13.21
N THR D 4 8.34 28.41 -12.45
CA THR D 4 7.09 27.77 -12.85
C THR D 4 6.09 27.99 -11.75
N ALA D 5 4.84 27.90 -12.18
CA ALA D 5 3.67 28.05 -11.33
C ALA D 5 3.49 26.78 -10.49
N ARG D 6 3.20 26.96 -9.22
CA ARG D 6 2.82 25.83 -8.39
C ARG D 6 1.67 26.23 -7.50
N ALA D 7 0.68 25.33 -7.42
CA ALA D 7 -0.34 25.38 -6.38
C ALA D 7 0.40 25.11 -5.07
N SER D 8 -0.18 25.58 -3.98
CA SER D 8 0.43 25.44 -2.67
C SER D 8 -0.63 25.64 -1.62
N THR D 9 -0.39 25.17 -0.40
CA THR D 9 -1.10 25.72 0.75
C THR D 9 -0.70 27.20 0.81
ZN ZN E . -3.41 -6.47 -15.71
ZN ZN F . -2.11 -7.28 -19.10
ZN ZN G . 0.21 -5.72 -16.60
ZN ZN H . 9.77 -33.96 9.51
N SAM I . 6.56 -22.70 16.00
CA SAM I . 7.10 -21.33 15.85
C SAM I . 6.66 -20.51 17.03
O SAM I . 6.92 -19.30 16.98
OXT SAM I . 6.02 -21.03 17.97
CB SAM I . 6.67 -20.75 14.50
CG SAM I . 7.55 -21.21 13.32
SD SAM I . 9.15 -20.46 13.39
CE SAM I . 9.31 -19.79 11.88
C5' SAM I . 10.31 -21.71 13.24
C4' SAM I . 10.53 -22.46 14.53
O4' SAM I . 9.36 -23.27 14.93
C3' SAM I . 11.70 -23.46 14.43
O3' SAM I . 12.98 -22.85 14.66
C2' SAM I . 11.36 -24.44 15.48
O2' SAM I . 11.52 -23.91 16.82
C1' SAM I . 9.87 -24.58 15.37
N9 SAM I . 9.52 -25.56 14.32
C8 SAM I . 8.98 -25.29 13.14
N7 SAM I . 8.85 -26.43 12.41
C5 SAM I . 9.27 -27.42 13.22
C6 SAM I . 9.35 -28.88 13.11
N6 SAM I . 8.93 -29.45 11.97
N1 SAM I . 9.83 -29.54 14.16
C2 SAM I . 10.27 -28.95 15.28
N3 SAM I . 10.20 -27.61 15.48
C4 SAM I . 9.73 -26.86 14.45
ZN ZN J . -0.76 6.09 16.52
ZN ZN K . -4.32 4.76 16.23
ZN ZN L . -3.12 6.29 19.47
ZN ZN M . -11.74 33.73 -9.59
N SAM N . -9.22 22.25 -15.98
CA SAM N . -7.98 21.45 -16.01
C SAM N . -8.14 20.44 -17.10
O SAM N . -7.29 19.52 -17.15
OXT SAM N . -9.11 20.50 -17.88
CB SAM N . -7.88 20.77 -14.62
CG SAM N . -7.16 21.56 -13.58
SD SAM N . -5.50 21.86 -13.83
CE SAM N . -4.74 21.56 -12.38
C5' SAM N . -5.09 23.49 -13.94
C4' SAM N . -5.49 24.18 -15.25
O4' SAM N . -6.94 24.33 -15.26
C3' SAM N . -5.02 25.66 -15.30
O3' SAM N . -3.70 25.88 -15.80
C2' SAM N . -6.04 26.25 -16.23
O2' SAM N . -5.85 25.83 -17.58
C1' SAM N . -7.34 25.58 -15.82
N9 SAM N . -8.04 26.34 -14.73
C8 SAM N . -8.15 25.89 -13.47
N7 SAM N . -8.84 26.77 -12.68
C5 SAM N . -9.11 27.83 -13.49
C6 SAM N . -9.75 29.11 -13.25
N6 SAM N . -10.24 29.35 -12.01
N1 SAM N . -9.85 29.94 -14.36
C2 SAM N . -9.35 29.57 -15.58
N3 SAM N . -8.74 28.40 -15.85
C4 SAM N . -8.59 27.54 -14.82
#